data_7RVG
# 
_entry.id   7RVG 
# 
_audit_conform.dict_name       mmcif_pdbx.dic 
_audit_conform.dict_version    5.392 
_audit_conform.dict_location   http://mmcif.pdb.org/dictionaries/ascii/mmcif_pdbx.dic 
# 
loop_
_database_2.database_id 
_database_2.database_code 
_database_2.pdbx_database_accession 
_database_2.pdbx_DOI 
PDB   7RVG         pdb_00007rvg 10.2210/pdb7rvg/pdb 
WWPDB D_1000259070 ?            ?                   
# 
loop_
_pdbx_audit_revision_history.ordinal 
_pdbx_audit_revision_history.data_content_type 
_pdbx_audit_revision_history.major_revision 
_pdbx_audit_revision_history.minor_revision 
_pdbx_audit_revision_history.revision_date 
1 'Structure model' 1 0 2022-08-24 
2 'Structure model' 1 1 2024-05-22 
# 
_pdbx_audit_revision_details.ordinal             1 
_pdbx_audit_revision_details.revision_ordinal    1 
_pdbx_audit_revision_details.data_content_type   'Structure model' 
_pdbx_audit_revision_details.provider            repository 
_pdbx_audit_revision_details.type                'Initial release' 
_pdbx_audit_revision_details.description         ? 
_pdbx_audit_revision_details.details             ? 
# 
_pdbx_audit_revision_group.ordinal             1 
_pdbx_audit_revision_group.revision_ordinal    2 
_pdbx_audit_revision_group.data_content_type   'Structure model' 
_pdbx_audit_revision_group.group               'Data collection' 
# 
loop_
_pdbx_audit_revision_category.ordinal 
_pdbx_audit_revision_category.revision_ordinal 
_pdbx_audit_revision_category.data_content_type 
_pdbx_audit_revision_category.category 
1 2 'Structure model' chem_comp_atom 
2 2 'Structure model' chem_comp_bond 
# 
_pdbx_database_status.status_code                     REL 
_pdbx_database_status.status_code_sf                  REL 
_pdbx_database_status.status_code_mr                  ? 
_pdbx_database_status.entry_id                        7RVG 
_pdbx_database_status.recvd_initial_deposition_date   2021-08-18 
_pdbx_database_status.SG_entry                        N 
_pdbx_database_status.deposit_site                    RCSB 
_pdbx_database_status.process_site                    RCSB 
_pdbx_database_status.status_code_cs                  ? 
_pdbx_database_status.status_code_nmr_data            ? 
_pdbx_database_status.methods_development_category    ? 
_pdbx_database_status.pdb_format_compatible           Y 
# 
loop_
_audit_author.name 
_audit_author.pdbx_ordinal 
_audit_author.identifier_ORCID 
'Glynn, C.'       1 ? 
'Rodriguez, J.A.' 2 ? 
'Hernandez, E.'   3 ? 
# 
_citation.abstract                  ? 
_citation.abstract_id_CAS           ? 
_citation.book_id_ISBN              ? 
_citation.book_publisher            ? 
_citation.book_publisher_city       ? 
_citation.book_title                ? 
_citation.coordinate_linkage        ? 
_citation.country                   ? 
_citation.database_id_Medline       ? 
_citation.details                   ? 
_citation.id                        primary 
_citation.journal_abbrev            'To be published' 
_citation.journal_id_ASTM           ? 
_citation.journal_id_CSD            0353 
_citation.journal_id_ISSN           ? 
_citation.journal_full              ? 
_citation.journal_issue             ? 
_citation.journal_volume            ? 
_citation.language                  ? 
_citation.page_first                ? 
_citation.page_last                 ? 
_citation.title                     
'Structural and Biophysical Consequences of Sequence Variation in the B2a2 Loop of Mammalian Prions' 
_citation.year                      ? 
_citation.database_id_CSD           ? 
_citation.pdbx_database_id_DOI      ? 
_citation.pdbx_database_id_PubMed   ? 
_citation.pdbx_database_id_patent   ? 
_citation.unpublished_flag          ? 
# 
loop_
_citation_author.citation_id 
_citation_author.name 
_citation_author.ordinal 
_citation_author.identifier_ORCID 
primary 'Glynn, C.'           1 ? 
primary 'Hernandez, E.'       2 ? 
primary 'Gallagher-Jones, M.' 3 ? 
primary 'Miao, J.'            4 ? 
primary 'Rodriguez, J.A.'     5 ? 
# 
loop_
_entity.id 
_entity.type 
_entity.src_method 
_entity.pdbx_description 
_entity.formula_weight 
_entity.pdbx_number_of_molecules 
_entity.pdbx_ec 
_entity.pdbx_mutation 
_entity.pdbx_fragment 
_entity.details 
1 polymer syn 'Major prion protein' 1086.112 1 ? ? 'UNP residues 167-175' 'also Sus scrofa' 
2 water   nat water                 18.015   4 ? ? ?                      ?                 
# 
_entity_name_com.entity_id   1 
_entity_name_com.name        PrP,PrP27-30,PrP33-35C 
# 
_entity_poly.entity_id                      1 
_entity_poly.type                           'polypeptide(L)' 
_entity_poly.nstd_linkage                   no 
_entity_poly.nstd_monomer                   no 
_entity_poly.pdbx_seq_one_letter_code       QYSNQNSFV 
_entity_poly.pdbx_seq_one_letter_code_can   QYSNQNSFV 
_entity_poly.pdbx_strand_id                 A 
_entity_poly.pdbx_target_identifier         ? 
# 
_pdbx_entity_nonpoly.entity_id   2 
_pdbx_entity_nonpoly.name        water 
_pdbx_entity_nonpoly.comp_id     HOH 
# 
loop_
_entity_poly_seq.entity_id 
_entity_poly_seq.num 
_entity_poly_seq.mon_id 
_entity_poly_seq.hetero 
1 1 GLN n 
1 2 TYR n 
1 3 SER n 
1 4 ASN n 
1 5 GLN n 
1 6 ASN n 
1 7 SER n 
1 8 PHE n 
1 9 VAL n 
# 
_pdbx_entity_src_syn.entity_id              1 
_pdbx_entity_src_syn.pdbx_src_id            1 
_pdbx_entity_src_syn.pdbx_alt_source_flag   sample 
_pdbx_entity_src_syn.pdbx_beg_seq_num       1 
_pdbx_entity_src_syn.pdbx_end_seq_num       9 
_pdbx_entity_src_syn.organism_scientific    'Oryctolagus cuniculus' 
_pdbx_entity_src_syn.organism_common_name   Rabbit 
_pdbx_entity_src_syn.ncbi_taxonomy_id       9986 
_pdbx_entity_src_syn.details                ? 
# 
loop_
_chem_comp.id 
_chem_comp.type 
_chem_comp.mon_nstd_flag 
_chem_comp.name 
_chem_comp.pdbx_synonyms 
_chem_comp.formula 
_chem_comp.formula_weight 
ASN 'L-peptide linking' y ASPARAGINE    ? 'C4 H8 N2 O3'  132.118 
GLN 'L-peptide linking' y GLUTAMINE     ? 'C5 H10 N2 O3' 146.144 
HOH non-polymer         . WATER         ? 'H2 O'         18.015  
PHE 'L-peptide linking' y PHENYLALANINE ? 'C9 H11 N O2'  165.189 
SER 'L-peptide linking' y SERINE        ? 'C3 H7 N O3'   105.093 
TYR 'L-peptide linking' y TYROSINE      ? 'C9 H11 N O3'  181.189 
VAL 'L-peptide linking' y VALINE        ? 'C5 H11 N O2'  117.146 
# 
loop_
_pdbx_poly_seq_scheme.asym_id 
_pdbx_poly_seq_scheme.entity_id 
_pdbx_poly_seq_scheme.seq_id 
_pdbx_poly_seq_scheme.mon_id 
_pdbx_poly_seq_scheme.ndb_seq_num 
_pdbx_poly_seq_scheme.pdb_seq_num 
_pdbx_poly_seq_scheme.auth_seq_num 
_pdbx_poly_seq_scheme.pdb_mon_id 
_pdbx_poly_seq_scheme.auth_mon_id 
_pdbx_poly_seq_scheme.pdb_strand_id 
_pdbx_poly_seq_scheme.pdb_ins_code 
_pdbx_poly_seq_scheme.hetero 
A 1 1 GLN 1 168 168 GLN GLN A . n 
A 1 2 TYR 2 169 169 TYR TYR A . n 
A 1 3 SER 3 170 170 SER SER A . n 
A 1 4 ASN 4 171 171 ASN ASN A . n 
A 1 5 GLN 5 172 172 GLN GLN A . n 
A 1 6 ASN 6 173 173 ASN ASN A . n 
A 1 7 SER 7 174 174 SER SER A . n 
A 1 8 PHE 8 175 175 PHE PHE A . n 
A 1 9 VAL 9 176 176 VAL VAL A . n 
# 
loop_
_pdbx_nonpoly_scheme.asym_id 
_pdbx_nonpoly_scheme.entity_id 
_pdbx_nonpoly_scheme.mon_id 
_pdbx_nonpoly_scheme.ndb_seq_num 
_pdbx_nonpoly_scheme.pdb_seq_num 
_pdbx_nonpoly_scheme.auth_seq_num 
_pdbx_nonpoly_scheme.pdb_mon_id 
_pdbx_nonpoly_scheme.auth_mon_id 
_pdbx_nonpoly_scheme.pdb_strand_id 
_pdbx_nonpoly_scheme.pdb_ins_code 
B 2 HOH 1 201 1 HOH HOH A . 
B 2 HOH 2 202 2 HOH HOH A . 
B 2 HOH 3 203 4 HOH HOH A . 
B 2 HOH 4 204 3 HOH HOH A . 
# 
loop_
_software.citation_id 
_software.classification 
_software.compiler_name 
_software.compiler_version 
_software.contact_author 
_software.contact_author_email 
_software.date 
_software.description 
_software.dependencies 
_software.hardware 
_software.language 
_software.location 
_software.mods 
_software.name 
_software.os 
_software.os_version 
_software.type 
_software.version 
_software.pdbx_ordinal 
? 'data scaling'    ? ? ? ? ? ? ? ? ? ? ? XSCALE      ? ? ? .           1 
? refinement        ? ? ? ? ? ? ? ? ? ? ? PHENIX      ? ? ? 1.19.2_4158 2 
? 'data extraction' ? ? ? ? ? ? ? ? ? ? ? PDB_EXTRACT ? ? ? 3.27        3 
? 'data reduction'  ? ? ? ? ? ? ? ? ? ? ? XDS         ? ? ? .           4 
? phasing           ? ? ? ? ? ? ? ? ? ? ? SHELXD      ? ? ? .           5 
# 
_cell.angle_alpha                  90.000 
_cell.angle_alpha_esd              ? 
_cell.angle_beta                   111.210 
_cell.angle_beta_esd               ? 
_cell.angle_gamma                  90.000 
_cell.angle_gamma_esd              ? 
_cell.entry_id                     7RVG 
_cell.details                      ? 
_cell.formula_units_Z              ? 
_cell.length_a                     23.570 
_cell.length_a_esd                 ? 
_cell.length_b                     4.860 
_cell.length_b_esd                 ? 
_cell.length_c                     27.700 
_cell.length_c_esd                 ? 
_cell.volume                       ? 
_cell.volume_esd                   ? 
_cell.Z_PDB                        2 
_cell.reciprocal_angle_alpha       ? 
_cell.reciprocal_angle_beta        ? 
_cell.reciprocal_angle_gamma       ? 
_cell.reciprocal_angle_alpha_esd   ? 
_cell.reciprocal_angle_beta_esd    ? 
_cell.reciprocal_angle_gamma_esd   ? 
_cell.reciprocal_length_a          ? 
_cell.reciprocal_length_b          ? 
_cell.reciprocal_length_c          ? 
_cell.reciprocal_length_a_esd      ? 
_cell.reciprocal_length_b_esd      ? 
_cell.reciprocal_length_c_esd      ? 
_cell.pdbx_unique_axis             ? 
# 
_symmetry.entry_id                         7RVG 
_symmetry.cell_setting                     ? 
_symmetry.Int_Tables_number                4 
_symmetry.space_group_name_Hall            ? 
_symmetry.space_group_name_H-M             'P 1 21 1' 
_symmetry.pdbx_full_space_group_name_H-M   ? 
# 
_exptl.absorpt_coefficient_mu     ? 
_exptl.absorpt_correction_T_max   ? 
_exptl.absorpt_correction_T_min   ? 
_exptl.absorpt_correction_type    ? 
_exptl.absorpt_process_details    ? 
_exptl.entry_id                   7RVG 
_exptl.crystals_number            1 
_exptl.details                    ? 
_exptl.method                     'ELECTRON CRYSTALLOGRAPHY' 
_exptl.method_details             ? 
# 
_exptl_crystal.colour                      ? 
_exptl_crystal.density_diffrn              ? 
_exptl_crystal.density_Matthews            ? 
_exptl_crystal.density_method              ? 
_exptl_crystal.density_percent_sol         ? 
_exptl_crystal.description                 ? 
_exptl_crystal.F_000                       ? 
_exptl_crystal.id                          1 
_exptl_crystal.preparation                 ? 
_exptl_crystal.size_max                    ? 
_exptl_crystal.size_mid                    ? 
_exptl_crystal.size_min                    ? 
_exptl_crystal.size_rad                    ? 
_exptl_crystal.colour_lustre               ? 
_exptl_crystal.colour_modifier             ? 
_exptl_crystal.colour_primary              ? 
_exptl_crystal.density_meas                ? 
_exptl_crystal.density_meas_esd            ? 
_exptl_crystal.density_meas_gt             ? 
_exptl_crystal.density_meas_lt             ? 
_exptl_crystal.density_meas_temp           ? 
_exptl_crystal.density_meas_temp_esd       ? 
_exptl_crystal.density_meas_temp_gt        ? 
_exptl_crystal.density_meas_temp_lt        ? 
_exptl_crystal.pdbx_crystal_image_url      ? 
_exptl_crystal.pdbx_crystal_image_format   ? 
_exptl_crystal.pdbx_mosaicity              ? 
_exptl_crystal.pdbx_mosaicity_esd          ? 
# 
_exptl_crystal_grow.apparatus       ? 
_exptl_crystal_grow.atmosphere      ? 
_exptl_crystal_grow.crystal_id      1 
_exptl_crystal_grow.details         ? 
_exptl_crystal_grow.method          'VAPOR DIFFUSION, HANGING DROP' 
_exptl_crystal_grow.method_ref      ? 
_exptl_crystal_grow.pH              9 
_exptl_crystal_grow.pressure        ? 
_exptl_crystal_grow.pressure_esd    ? 
_exptl_crystal_grow.seeding         ? 
_exptl_crystal_grow.seeding_ref     ? 
_exptl_crystal_grow.temp            298 
_exptl_crystal_grow.temp_details    ? 
_exptl_crystal_grow.temp_esd        ? 
_exptl_crystal_grow.time            ? 
_exptl_crystal_grow.pdbx_details    '0.05 M CHES, pH 9, 0.2 M lithium sulfate, 1.3 M sodium/potassium tartrate' 
_exptl_crystal_grow.pdbx_pH_range   ? 
# 
_diffrn.ambient_environment              ? 
_diffrn.ambient_temp                     100 
_diffrn.ambient_temp_details             ? 
_diffrn.ambient_temp_esd                 ? 
_diffrn.crystal_id                       1 
_diffrn.crystal_support                  ? 
_diffrn.crystal_treatment                ? 
_diffrn.details                          ? 
_diffrn.id                               1 
_diffrn.ambient_pressure                 ? 
_diffrn.ambient_pressure_esd             ? 
_diffrn.ambient_pressure_gt              ? 
_diffrn.ambient_pressure_lt              ? 
_diffrn.ambient_temp_gt                  ? 
_diffrn.ambient_temp_lt                  ? 
_diffrn.pdbx_serial_crystal_experiment   N 
# 
_diffrn_detector.details                      ? 
_diffrn_detector.detector                     CMOS 
_diffrn_detector.diffrn_id                    1 
_diffrn_detector.type                         'TVIPS TEMCAM-F416' 
_diffrn_detector.area_resol_mean              ? 
_diffrn_detector.dtime                        ? 
_diffrn_detector.pdbx_frames_total            ? 
_diffrn_detector.pdbx_collection_time_total   ? 
_diffrn_detector.pdbx_collection_date         2017-03-22 
_diffrn_detector.pdbx_frequency               ? 
# 
_diffrn_radiation.collimation                      ? 
_diffrn_radiation.diffrn_id                        1 
_diffrn_radiation.filter_edge                      ? 
_diffrn_radiation.inhomogeneity                    ? 
_diffrn_radiation.monochromator                    ? 
_diffrn_radiation.polarisn_norm                    ? 
_diffrn_radiation.polarisn_ratio                   ? 
_diffrn_radiation.probe                            ? 
_diffrn_radiation.type                             ? 
_diffrn_radiation.xray_symbol                      ? 
_diffrn_radiation.wavelength_id                    1 
_diffrn_radiation.pdbx_monochromatic_or_laue_m_l   M 
_diffrn_radiation.pdbx_wavelength_list             ? 
_diffrn_radiation.pdbx_wavelength                  ? 
_diffrn_radiation.pdbx_diffrn_protocol             'SINGLE WAVELENGTH' 
_diffrn_radiation.pdbx_analyzer                    ? 
_diffrn_radiation.pdbx_scattering_type             electron 
# 
_diffrn_radiation_wavelength.id           1 
_diffrn_radiation_wavelength.wavelength   0.0251 
_diffrn_radiation_wavelength.wt           1.0 
# 
_diffrn_source.current                     ? 
_diffrn_source.details                     ? 
_diffrn_source.diffrn_id                   1 
_diffrn_source.power                       ? 
_diffrn_source.size                        ? 
_diffrn_source.source                      'ELECTRON MICROSCOPE' 
_diffrn_source.target                      ? 
_diffrn_source.type                        OTHER 
_diffrn_source.voltage                     ? 
_diffrn_source.take-off_angle              ? 
_diffrn_source.pdbx_wavelength_list        0.0251 
_diffrn_source.pdbx_wavelength             ? 
_diffrn_source.pdbx_synchrotron_beamline   ? 
_diffrn_source.pdbx_synchrotron_site       ? 
# 
_reflns.B_iso_Wilson_estimate                          4.190 
_reflns.entry_id                                       7RVG 
_reflns.data_reduction_details                         ? 
_reflns.data_reduction_method                          ? 
_reflns.d_resolution_high                              1.000 
_reflns.d_resolution_low                               7.180 
_reflns.details                                        ? 
_reflns.limit_h_max                                    ? 
_reflns.limit_h_min                                    ? 
_reflns.limit_k_max                                    ? 
_reflns.limit_k_min                                    ? 
_reflns.limit_l_max                                    ? 
_reflns.limit_l_min                                    ? 
_reflns.number_all                                     ? 
_reflns.number_obs                                     2680 
_reflns.observed_criterion                             ? 
_reflns.observed_criterion_F_max                       ? 
_reflns.observed_criterion_F_min                       ? 
_reflns.observed_criterion_I_max                       ? 
_reflns.observed_criterion_I_min                       ? 
_reflns.observed_criterion_sigma_F                     ? 
_reflns.observed_criterion_sigma_I                     ? 
_reflns.percent_possible_obs                           74.900 
_reflns.R_free_details                                 ? 
_reflns.Rmerge_F_all                                   ? 
_reflns.Rmerge_F_obs                                   ? 
_reflns.Friedel_coverage                               ? 
_reflns.number_gt                                      ? 
_reflns.threshold_expression                           ? 
_reflns.pdbx_redundancy                                7.375 
_reflns.pdbx_Rmerge_I_obs                              0.204 
_reflns.pdbx_Rmerge_I_all                              ? 
_reflns.pdbx_Rsym_value                                ? 
_reflns.pdbx_netI_over_av_sigmaI                       ? 
_reflns.pdbx_netI_over_sigmaI                          5.720 
_reflns.pdbx_res_netI_over_av_sigmaI_2                 ? 
_reflns.pdbx_res_netI_over_sigmaI_2                    ? 
_reflns.pdbx_chi_squared                               0.947 
_reflns.pdbx_scaling_rejects                           11 
_reflns.pdbx_d_res_high_opt                            ? 
_reflns.pdbx_d_res_low_opt                             ? 
_reflns.pdbx_d_res_opt_method                          ? 
_reflns.phase_calculation_details                      ? 
_reflns.pdbx_Rrim_I_all                                0.220 
_reflns.pdbx_Rpim_I_all                                ? 
_reflns.pdbx_d_opt                                     ? 
_reflns.pdbx_number_measured_all                       19765 
_reflns.pdbx_diffrn_id                                 1 
_reflns.pdbx_ordinal                                   1 
_reflns.pdbx_CC_half                                   0.994 
_reflns.pdbx_CC_star                                   ? 
_reflns.pdbx_R_split                                   ? 
_reflns.pdbx_aniso_diffraction_limit_axis_1_ortho[1]   ? 
_reflns.pdbx_aniso_diffraction_limit_axis_1_ortho[2]   ? 
_reflns.pdbx_aniso_diffraction_limit_axis_1_ortho[3]   ? 
_reflns.pdbx_aniso_diffraction_limit_axis_2_ortho[1]   ? 
_reflns.pdbx_aniso_diffraction_limit_axis_2_ortho[2]   ? 
_reflns.pdbx_aniso_diffraction_limit_axis_2_ortho[3]   ? 
_reflns.pdbx_aniso_diffraction_limit_axis_3_ortho[1]   ? 
_reflns.pdbx_aniso_diffraction_limit_axis_3_ortho[2]   ? 
_reflns.pdbx_aniso_diffraction_limit_axis_3_ortho[3]   ? 
_reflns.pdbx_aniso_diffraction_limit_1                 ? 
_reflns.pdbx_aniso_diffraction_limit_2                 ? 
_reflns.pdbx_aniso_diffraction_limit_3                 ? 
_reflns.pdbx_aniso_B_tensor_eigenvector_1_ortho[1]     ? 
_reflns.pdbx_aniso_B_tensor_eigenvector_1_ortho[2]     ? 
_reflns.pdbx_aniso_B_tensor_eigenvector_1_ortho[3]     ? 
_reflns.pdbx_aniso_B_tensor_eigenvector_2_ortho[1]     ? 
_reflns.pdbx_aniso_B_tensor_eigenvector_2_ortho[2]     ? 
_reflns.pdbx_aniso_B_tensor_eigenvector_2_ortho[3]     ? 
_reflns.pdbx_aniso_B_tensor_eigenvector_3_ortho[1]     ? 
_reflns.pdbx_aniso_B_tensor_eigenvector_3_ortho[2]     ? 
_reflns.pdbx_aniso_B_tensor_eigenvector_3_ortho[3]     ? 
_reflns.pdbx_aniso_B_tensor_eigenvalue_1               ? 
_reflns.pdbx_aniso_B_tensor_eigenvalue_2               ? 
_reflns.pdbx_aniso_B_tensor_eigenvalue_3               ? 
_reflns.pdbx_orthogonalization_convention              ? 
_reflns.pdbx_percent_possible_ellipsoidal              ? 
_reflns.pdbx_percent_possible_spherical                ? 
_reflns.pdbx_percent_possible_ellipsoidal_anomalous    ? 
_reflns.pdbx_percent_possible_spherical_anomalous      ? 
_reflns.pdbx_redundancy_anomalous                      ? 
_reflns.pdbx_CC_half_anomalous                         ? 
_reflns.pdbx_absDiff_over_sigma_anomalous              ? 
_reflns.pdbx_percent_possible_anomalous                ? 
_reflns.pdbx_observed_signal_threshold                 ? 
_reflns.pdbx_signal_type                               ? 
_reflns.pdbx_signal_details                            ? 
_reflns.pdbx_signal_software_id                        ? 
# 
loop_
_reflns_shell.d_res_high 
_reflns_shell.d_res_low 
_reflns_shell.meanI_over_sigI_all 
_reflns_shell.meanI_over_sigI_obs 
_reflns_shell.number_measured_all 
_reflns_shell.number_measured_obs 
_reflns_shell.number_possible 
_reflns_shell.number_unique_all 
_reflns_shell.number_unique_obs 
_reflns_shell.percent_possible_all 
_reflns_shell.percent_possible_obs 
_reflns_shell.Rmerge_F_all 
_reflns_shell.Rmerge_F_obs 
_reflns_shell.Rmerge_I_all 
_reflns_shell.Rmerge_I_obs 
_reflns_shell.meanI_over_sigI_gt 
_reflns_shell.meanI_over_uI_all 
_reflns_shell.meanI_over_uI_gt 
_reflns_shell.number_measured_gt 
_reflns_shell.number_unique_gt 
_reflns_shell.percent_possible_gt 
_reflns_shell.Rmerge_F_gt 
_reflns_shell.Rmerge_I_gt 
_reflns_shell.pdbx_redundancy 
_reflns_shell.pdbx_Rsym_value 
_reflns_shell.pdbx_chi_squared 
_reflns_shell.pdbx_netI_over_sigmaI_all 
_reflns_shell.pdbx_netI_over_sigmaI_obs 
_reflns_shell.pdbx_Rrim_I_all 
_reflns_shell.pdbx_Rpim_I_all 
_reflns_shell.pdbx_rejects 
_reflns_shell.pdbx_ordinal 
_reflns_shell.pdbx_diffrn_id 
_reflns_shell.pdbx_CC_half 
_reflns_shell.pdbx_CC_star 
_reflns_shell.pdbx_R_split 
_reflns_shell.pdbx_percent_possible_ellipsoidal 
_reflns_shell.pdbx_percent_possible_spherical 
_reflns_shell.pdbx_percent_possible_ellipsoidal_anomalous 
_reflns_shell.pdbx_percent_possible_spherical_anomalous 
_reflns_shell.pdbx_redundancy_anomalous 
_reflns_shell.pdbx_CC_half_anomalous 
_reflns_shell.pdbx_absDiff_over_sigma_anomalous 
_reflns_shell.pdbx_percent_possible_anomalous 
1.000 1.030 ? 2.450  ? 1193 251 ? 180 71.700 ? ? ? ? 0.698 ? ? ? ? ? ? ? ? 6.628 ? ? ? ? 0.767 ? ? 1  1 0.699 ? ? ? ? ? ? ? ? ? ? 
1.030 1.050 ? 3.160  ? 1376 236 ? 185 78.400 ? ? ? ? 0.502 ? ? ? ? ? ? ? ? 7.438 ? ? ? ? 0.543 ? ? 2  1 0.873 ? ? ? ? ? ? ? ? ? ? 
1.050 1.080 ? 3.580  ? 1374 241 ? 186 77.200 ? ? ? ? 0.491 ? ? ? ? ? ? ? ? 7.387 ? ? ? ? 0.535 ? ? 3  1 0.842 ? ? ? ? ? ? ? ? ? ? 
1.080 1.120 ? 4.360  ? 1417 236 ? 184 78.000 ? ? ? ? 0.353 ? ? ? ? ? ? ? ? 7.701 ? ? ? ? 0.383 ? ? 4  1 0.965 ? ? ? ? ? ? ? ? ? ? 
1.120 1.150 ? 4.820  ? 1430 234 ? 178 76.100 ? ? ? ? 0.306 ? ? ? ? ? ? ? ? 8.034 ? ? ? ? 0.330 ? ? 5  1 0.936 ? ? ? ? ? ? ? ? ? ? 
1.150 1.200 ? 4.280  ? 1550 239 ? 190 79.500 ? ? ? ? 0.437 ? ? ? ? ? ? ? ? 8.158 ? ? ? ? 0.471 ? ? 6  1 0.807 ? ? ? ? ? ? ? ? ? ? 
1.200 1.240 ? 4.890  ? 1244 210 ? 161 76.700 ? ? ? ? 0.358 ? ? ? ? ? ? ? ? 7.727 ? ? ? ? 0.386 ? ? 7  1 0.911 ? ? ? ? ? ? ? ? ? ? 
1.240 1.290 ? 5.250  ? 1034 199 ? 147 73.900 ? ? ? ? 0.303 ? ? ? ? ? ? ? ? 7.034 ? ? ? ? 0.330 ? ? 8  1 0.946 ? ? ? ? ? ? ? ? ? ? 
1.290 1.350 ? 5.090  ? 1068 197 ? 145 73.600 ? ? ? ? 0.326 ? ? ? ? ? ? ? ? 7.366 ? ? ? ? 0.351 ? ? 9  1 0.947 ? ? ? ? ? ? ? ? ? ? 
1.350 1.410 ? 4.900  ? 1073 191 ? 141 73.800 ? ? ? ? 0.397 ? ? ? ? ? ? ? ? 7.610 ? ? ? ? 0.429 ? ? 10 1 0.906 ? ? ? ? ? ? ? ? ? ? 
1.410 1.490 ? 5.500  ? 1096 185 ? 141 76.200 ? ? ? ? 0.346 ? ? ? ? ? ? ? ? 7.773 ? ? ? ? 0.374 ? ? 11 1 0.814 ? ? ? ? ? ? ? ? ? ? 
1.490 1.580 ? 7.730  ? 1214 190 ? 148 77.900 ? ? ? ? 0.224 ? ? ? ? ? ? ? ? 8.203 ? ? ? ? 0.241 ? ? 12 1 0.968 ? ? ? ? ? ? ? ? ? ? 
1.580 1.690 ? 6.810  ? 865  164 ? 126 76.800 ? ? ? ? 0.193 ? ? ? ? ? ? ? ? 6.865 ? ? ? ? 0.210 ? ? 13 1 0.985 ? ? ? ? ? ? ? ? ? ? 
1.690 1.830 ? 6.480  ? 692  151 ? 110 72.800 ? ? ? ? 0.237 ? ? ? ? ? ? ? ? 6.291 ? ? ? ? 0.259 ? ? 14 1 0.934 ? ? ? ? ? ? ? ? ? ? 
1.830 2.000 ? 8.550  ? 701  139 ? 105 75.500 ? ? ? ? 0.174 ? ? ? ? ? ? ? ? 6.676 ? ? ? ? 0.189 ? ? 15 1 0.985 ? ? ? ? ? ? ? ? ? ? 
2.000 2.240 ? 9.850  ? 830  141 ? 109 77.300 ? ? ? ? 0.170 ? ? ? ? ? ? ? ? 7.615 ? ? ? ? 0.184 ? ? 16 1 0.984 ? ? ? ? ? ? ? ? ? ? 
2.240 2.580 ? 10.650 ? 668  127 ? 89  70.100 ? ? ? ? 0.134 ? ? ? ? ? ? ? ? 7.506 ? ? ? ? 0.145 ? ? 17 1 0.993 ? ? ? ? ? ? ? ? ? ? 
2.580 3.160 ? 9.100  ? 339  94  ? 62  66.000 ? ? ? ? 0.126 ? ? ? ? ? ? ? ? 5.468 ? ? ? ? 0.141 ? ? 18 1 0.989 ? ? ? ? ? ? ? ? ? ? 
3.160 4.470 ? 13.430 ? 454  93  ? 68  73.100 ? ? ? ? 0.110 ? ? ? ? ? ? ? ? 6.676 ? ? ? ? 0.118 ? ? 19 1 0.997 ? ? ? ? ? ? ? ? ? ? 
4.470 7.180 ? 11.310 ? 147  58  ? 25  43.100 ? ? ? ? 0.107 ? ? ? ? ? ? ? ? 5.880 ? ? ? ? 0.113 ? ? 20 1 0.999 ? ? ? ? ? ? ? ? ? ? 
# 
_refine.aniso_B[1][1]                            ? 
_refine.aniso_B[1][2]                            ? 
_refine.aniso_B[1][3]                            ? 
_refine.aniso_B[2][2]                            ? 
_refine.aniso_B[2][3]                            ? 
_refine.aniso_B[3][3]                            ? 
_refine.B_iso_max                                17.360 
_refine.B_iso_mean                               5.5722 
_refine.B_iso_min                                2.440 
_refine.correlation_coeff_Fo_to_Fc               ? 
_refine.correlation_coeff_Fo_to_Fc_free          ? 
_refine.details                                  ? 
_refine.diff_density_max                         ? 
_refine.diff_density_max_esd                     ? 
_refine.diff_density_min                         ? 
_refine.diff_density_min_esd                     ? 
_refine.diff_density_rms                         ? 
_refine.diff_density_rms_esd                     ? 
_refine.entry_id                                 7RVG 
_refine.pdbx_refine_id                           'ELECTRON CRYSTALLOGRAPHY' 
_refine.ls_abs_structure_details                 ? 
_refine.ls_abs_structure_Flack                   ? 
_refine.ls_abs_structure_Flack_esd               ? 
_refine.ls_abs_structure_Rogers                  ? 
_refine.ls_abs_structure_Rogers_esd              ? 
_refine.ls_d_res_high                            1.0000 
_refine.ls_d_res_low                             7.1800 
_refine.ls_extinction_coef                       ? 
_refine.ls_extinction_coef_esd                   ? 
_refine.ls_extinction_expression                 ? 
_refine.ls_extinction_method                     ? 
_refine.ls_goodness_of_fit_all                   ? 
_refine.ls_goodness_of_fit_all_esd               ? 
_refine.ls_goodness_of_fit_obs                   ? 
_refine.ls_goodness_of_fit_obs_esd               ? 
_refine.ls_hydrogen_treatment                    ? 
_refine.ls_matrix_type                           ? 
_refine.ls_number_constraints                    ? 
_refine.ls_number_parameters                     ? 
_refine.ls_number_reflns_all                     ? 
_refine.ls_number_reflns_obs                     2658 
_refine.ls_number_reflns_R_free                  263 
_refine.ls_number_reflns_R_work                  2395 
_refine.ls_number_restraints                     ? 
_refine.ls_percent_reflns_obs                    74.7700 
_refine.ls_percent_reflns_R_free                 9.8900 
_refine.ls_R_factor_all                          ? 
_refine.ls_R_factor_obs                          0.2184 
_refine.ls_R_factor_R_free                       0.2196 
_refine.ls_R_factor_R_free_error                 ? 
_refine.ls_R_factor_R_free_error_details         ? 
_refine.ls_R_factor_R_work                       0.2182 
_refine.ls_R_Fsqd_factor_obs                     ? 
_refine.ls_R_I_factor_obs                        ? 
_refine.ls_redundancy_reflns_all                 ? 
_refine.ls_redundancy_reflns_obs                 ? 
_refine.ls_restrained_S_all                      ? 
_refine.ls_restrained_S_obs                      ? 
_refine.ls_shift_over_esd_max                    ? 
_refine.ls_shift_over_esd_mean                   ? 
_refine.ls_structure_factor_coef                 ? 
_refine.ls_weighting_details                     ? 
_refine.ls_weighting_scheme                      ? 
_refine.ls_wR_factor_all                         ? 
_refine.ls_wR_factor_obs                         ? 
_refine.ls_wR_factor_R_free                      ? 
_refine.ls_wR_factor_R_work                      ? 
_refine.occupancy_max                            ? 
_refine.occupancy_min                            ? 
_refine.solvent_model_details                    'FLAT BULK SOLVENT MODEL' 
_refine.solvent_model_param_bsol                 ? 
_refine.solvent_model_param_ksol                 ? 
_refine.pdbx_R_complete                          ? 
_refine.ls_R_factor_gt                           ? 
_refine.ls_goodness_of_fit_gt                    ? 
_refine.ls_goodness_of_fit_ref                   ? 
_refine.ls_shift_over_su_max                     ? 
_refine.ls_shift_over_su_max_lt                  ? 
_refine.ls_shift_over_su_mean                    ? 
_refine.ls_shift_over_su_mean_lt                 ? 
_refine.pdbx_ls_sigma_I                          ? 
_refine.pdbx_ls_sigma_F                          1.360 
_refine.pdbx_ls_sigma_Fsqd                       ? 
_refine.pdbx_data_cutoff_high_absF               ? 
_refine.pdbx_data_cutoff_high_rms_absF           ? 
_refine.pdbx_data_cutoff_low_absF                ? 
_refine.pdbx_isotropic_thermal_model             ? 
_refine.pdbx_ls_cross_valid_method               THROUGHOUT 
_refine.pdbx_method_to_determine_struct          'AB INITIO PHASING' 
_refine.pdbx_starting_model                      ? 
_refine.pdbx_stereochemistry_target_values       ML 
_refine.pdbx_R_Free_selection_details            ? 
_refine.pdbx_stereochem_target_val_spec_case     ? 
_refine.pdbx_overall_ESU_R                       ? 
_refine.pdbx_overall_ESU_R_Free                  ? 
_refine.pdbx_solvent_vdw_probe_radii             1.1100 
_refine.pdbx_solvent_ion_probe_radii             ? 
_refine.pdbx_solvent_shrinkage_radii             0.9000 
_refine.pdbx_real_space_R                        ? 
_refine.pdbx_density_correlation                 ? 
_refine.pdbx_pd_number_of_powder_patterns        ? 
_refine.pdbx_pd_number_of_points                 ? 
_refine.pdbx_pd_meas_number_of_points            ? 
_refine.pdbx_pd_proc_ls_prof_R_factor            ? 
_refine.pdbx_pd_proc_ls_prof_wR_factor           ? 
_refine.pdbx_pd_Marquardt_correlation_coeff      ? 
_refine.pdbx_pd_Fsqrd_R_factor                   ? 
_refine.pdbx_pd_ls_matrix_band_width             ? 
_refine.pdbx_overall_phase_error                 24.7000 
_refine.pdbx_overall_SU_R_free_Cruickshank_DPI   ? 
_refine.pdbx_overall_SU_R_free_Blow_DPI          ? 
_refine.pdbx_overall_SU_R_Blow_DPI               ? 
_refine.pdbx_TLS_residual_ADP_flag               ? 
_refine.pdbx_diffrn_id                           1 
_refine.overall_SU_B                             ? 
_refine.overall_SU_ML                            0.0900 
_refine.overall_SU_R_Cruickshank_DPI             ? 
_refine.overall_SU_R_free                        ? 
_refine.overall_FOM_free_R_set                   ? 
_refine.overall_FOM_work_R_set                   ? 
_refine.pdbx_average_fsc_overall                 ? 
_refine.pdbx_average_fsc_work                    ? 
_refine.pdbx_average_fsc_free                    ? 
# 
_refine_hist.pdbx_refine_id                   'ELECTRON CRYSTALLOGRAPHY' 
_refine_hist.cycle_id                         final 
_refine_hist.details                          ? 
_refine_hist.d_res_high                       1.0000 
_refine_hist.d_res_low                        7.1800 
_refine_hist.number_atoms_solvent             4 
_refine_hist.number_atoms_total               81 
_refine_hist.number_reflns_all                ? 
_refine_hist.number_reflns_obs                ? 
_refine_hist.number_reflns_R_free             ? 
_refine_hist.number_reflns_R_work             ? 
_refine_hist.R_factor_all                     ? 
_refine_hist.R_factor_obs                     ? 
_refine_hist.R_factor_R_free                  ? 
_refine_hist.R_factor_R_work                  ? 
_refine_hist.pdbx_number_residues_total       9 
_refine_hist.pdbx_B_iso_mean_ligand           ? 
_refine_hist.pdbx_B_iso_mean_solvent          11.45 
_refine_hist.pdbx_number_atoms_protein        77 
_refine_hist.pdbx_number_atoms_nucleic_acid   0 
_refine_hist.pdbx_number_atoms_ligand         0 
_refine_hist.pdbx_number_atoms_lipid          ? 
_refine_hist.pdbx_number_atoms_carb           ? 
_refine_hist.pdbx_pseudo_atom_details         ? 
# 
loop_
_refine_ls_shell.pdbx_refine_id 
_refine_ls_shell.d_res_high 
_refine_ls_shell.d_res_low 
_refine_ls_shell.number_reflns_all 
_refine_ls_shell.number_reflns_obs 
_refine_ls_shell.number_reflns_R_free 
_refine_ls_shell.number_reflns_R_work 
_refine_ls_shell.percent_reflns_obs 
_refine_ls_shell.percent_reflns_R_free 
_refine_ls_shell.R_factor_all 
_refine_ls_shell.R_factor_obs 
_refine_ls_shell.R_factor_R_free 
_refine_ls_shell.R_factor_R_free_error 
_refine_ls_shell.R_factor_R_work 
_refine_ls_shell.redundancy_reflns_all 
_refine_ls_shell.redundancy_reflns_obs 
_refine_ls_shell.wR_factor_all 
_refine_ls_shell.wR_factor_obs 
_refine_ls_shell.wR_factor_R_free 
_refine_ls_shell.wR_factor_R_work 
_refine_ls_shell.pdbx_R_complete 
_refine_ls_shell.pdbx_total_number_of_bins_used 
_refine_ls_shell.pdbx_phase_error 
_refine_ls_shell.pdbx_fsc_work 
_refine_ls_shell.pdbx_fsc_free 
'ELECTRON CRYSTALLOGRAPHY' 1.0000 1.2600 1318 . 130 1188 76.0000 . . . 0.2773 0.0000 0.2586 . . . . . . . 2 . . . 
'ELECTRON CRYSTALLOGRAPHY' 1.2600 7.1800 1340 . 133 1207 74.0000 . . . 0.1911 0.0000 0.1980 . . . . . . . 2 . . . 
# 
_struct.entry_id                     7RVG 
_struct.title                        'Segment from rabbit/pig prion protein 168-176 QYSNQNSFV' 
_struct.pdbx_model_details           ? 
_struct.pdbx_formula_weight          ? 
_struct.pdbx_formula_weight_method   ? 
_struct.pdbx_model_type_details      ? 
_struct.pdbx_CASP_flag               N 
# 
_struct_keywords.entry_id        7RVG 
_struct_keywords.text            'amyloid, prion, fibril, rabbit, pig, PROTEIN FIBRIL' 
_struct_keywords.pdbx_keywords   'PROTEIN FIBRIL' 
# 
loop_
_struct_asym.id 
_struct_asym.pdbx_blank_PDB_chainid_flag 
_struct_asym.pdbx_modified 
_struct_asym.entity_id 
_struct_asym.details 
A N N 1 ? 
B N N 2 ? 
# 
_struct_ref.id                         1 
_struct_ref.db_name                    UNP 
_struct_ref.db_code                    PRIO_RABIT 
_struct_ref.pdbx_db_accession          Q95211 
_struct_ref.pdbx_db_isoform            ? 
_struct_ref.entity_id                  1 
_struct_ref.pdbx_seq_one_letter_code   QYSNQNSFV 
_struct_ref.pdbx_align_begin           167 
# 
_struct_ref_seq.align_id                      1 
_struct_ref_seq.ref_id                        1 
_struct_ref_seq.pdbx_PDB_id_code              7RVG 
_struct_ref_seq.pdbx_strand_id                A 
_struct_ref_seq.seq_align_beg                 1 
_struct_ref_seq.pdbx_seq_align_beg_ins_code   ? 
_struct_ref_seq.seq_align_end                 9 
_struct_ref_seq.pdbx_seq_align_end_ins_code   ? 
_struct_ref_seq.pdbx_db_accession             Q95211 
_struct_ref_seq.db_align_beg                  167 
_struct_ref_seq.pdbx_db_align_beg_ins_code    ? 
_struct_ref_seq.db_align_end                  175 
_struct_ref_seq.pdbx_db_align_end_ins_code    ? 
_struct_ref_seq.pdbx_auth_seq_align_beg       168 
_struct_ref_seq.pdbx_auth_seq_align_end       176 
# 
_pdbx_struct_assembly.id                   1 
_pdbx_struct_assembly.details              author_defined_assembly 
_pdbx_struct_assembly.method_details       ? 
_pdbx_struct_assembly.oligomeric_details   monomeric 
_pdbx_struct_assembly.oligomeric_count     1 
# 
loop_
_pdbx_struct_assembly_prop.biol_id 
_pdbx_struct_assembly_prop.type 
_pdbx_struct_assembly_prop.value 
_pdbx_struct_assembly_prop.details 
1 'ABSA (A^2)' 0    ? 
1 MORE         0    ? 
1 'SSA (A^2)'  1450 ? 
# 
_pdbx_struct_assembly_gen.assembly_id       1 
_pdbx_struct_assembly_gen.oper_expression   1 
_pdbx_struct_assembly_gen.asym_id_list      A,B 
# 
_pdbx_struct_assembly_auth_evidence.id                     1 
_pdbx_struct_assembly_auth_evidence.assembly_id            1 
_pdbx_struct_assembly_auth_evidence.experimental_support   'electron microscopy' 
_pdbx_struct_assembly_auth_evidence.details                ? 
# 
_pdbx_struct_oper_list.id                   1 
_pdbx_struct_oper_list.type                 'identity operation' 
_pdbx_struct_oper_list.name                 1_555 
_pdbx_struct_oper_list.symmetry_operation   x,y,z 
_pdbx_struct_oper_list.matrix[1][1]         1.0000000000 
_pdbx_struct_oper_list.matrix[1][2]         0.0000000000 
_pdbx_struct_oper_list.matrix[1][3]         0.0000000000 
_pdbx_struct_oper_list.vector[1]            0.0000000000 
_pdbx_struct_oper_list.matrix[2][1]         0.0000000000 
_pdbx_struct_oper_list.matrix[2][2]         1.0000000000 
_pdbx_struct_oper_list.matrix[2][3]         0.0000000000 
_pdbx_struct_oper_list.vector[2]            0.0000000000 
_pdbx_struct_oper_list.matrix[3][1]         0.0000000000 
_pdbx_struct_oper_list.matrix[3][2]         0.0000000000 
_pdbx_struct_oper_list.matrix[3][3]         1.0000000000 
_pdbx_struct_oper_list.vector[3]            0.0000000000 
# 
_em_3d_reconstruction.entry_id                    7RVG 
_em_3d_reconstruction.id                          1 
_em_3d_reconstruction.algorithm                   ? 
_em_3d_reconstruction.details                     ? 
_em_3d_reconstruction.refinement_type             ? 
_em_3d_reconstruction.image_processing_id         1 
_em_3d_reconstruction.num_class_averages          ? 
_em_3d_reconstruction.num_particles               ? 
_em_3d_reconstruction.resolution                  1.00 
_em_3d_reconstruction.resolution_method           'DIFFRACTION PATTERN/LAYERLINES' 
_em_3d_reconstruction.symmetry_type               '3D CRYSTAL' 
_em_3d_reconstruction.method                      ? 
_em_3d_reconstruction.nominal_pixel_size          ? 
_em_3d_reconstruction.actual_pixel_size           ? 
_em_3d_reconstruction.magnification_calibration   ? 
# 
_em_entity_assembly.details              ? 
_em_entity_assembly.entity_id_list       1 
_em_entity_assembly.id                   1 
_em_entity_assembly.name                 'Major prion protein' 
_em_entity_assembly.oligomeric_details   ? 
_em_entity_assembly.parent_id            0 
_em_entity_assembly.source               NATURAL 
_em_entity_assembly.synonym              ? 
_em_entity_assembly.type                 COMPLEX 
# 
_em_imaging.id                              1 
_em_imaging.entry_id                        7RVG 
_em_imaging.accelerating_voltage            300 
_em_imaging.alignment_procedure             . 
_em_imaging.c2_aperture_diameter            . 
_em_imaging.calibrated_defocus_max          ? 
_em_imaging.calibrated_defocus_min          ? 
_em_imaging.calibrated_magnification        ? 
_em_imaging.cryogen                         NITROGEN 
_em_imaging.details                         ? 
_em_imaging.electron_source                 'FIELD EMISSION GUN' 
_em_imaging.illumination_mode               'FLOOD BEAM' 
_em_imaging.microscope_model                'FEI TECNAI F30' 
_em_imaging.mode                            DIFFRACTION 
_em_imaging.nominal_cs                      ? 
_em_imaging.nominal_defocus_max             ? 
_em_imaging.nominal_defocus_min             ? 
_em_imaging.nominal_magnification           ? 
_em_imaging.recording_temperature_maximum   ? 
_em_imaging.recording_temperature_minimum   ? 
_em_imaging.residual_tilt                   ? 
_em_imaging.specimen_holder_model           . 
_em_imaging.specimen_id                     1 
_em_imaging.citation_id                     ? 
_em_imaging.date                            ? 
_em_imaging.temperature                     ? 
_em_imaging.tilt_angle_min                  ? 
_em_imaging.tilt_angle_max                  ? 
_em_imaging.astigmatism                     ? 
_em_imaging.detector_distance               ? 
_em_imaging.electron_beam_tilt_params       ? 
_em_imaging.specimen_holder_type            ? 
# 
_em_experiment.entry_id                7RVG 
_em_experiment.id                      1 
_em_experiment.aggregation_state       '3D ARRAY' 
_em_experiment.reconstruction_method   CRYSTALLOGRAPHY 
_em_experiment.entity_assembly_id      1 
# 
loop_
_chem_comp_atom.comp_id 
_chem_comp_atom.atom_id 
_chem_comp_atom.type_symbol 
_chem_comp_atom.pdbx_aromatic_flag 
_chem_comp_atom.pdbx_stereo_config 
_chem_comp_atom.pdbx_ordinal 
ASN N    N N N 1   
ASN CA   C N S 2   
ASN C    C N N 3   
ASN O    O N N 4   
ASN CB   C N N 5   
ASN CG   C N N 6   
ASN OD1  O N N 7   
ASN ND2  N N N 8   
ASN OXT  O N N 9   
ASN H    H N N 10  
ASN H2   H N N 11  
ASN HA   H N N 12  
ASN HB2  H N N 13  
ASN HB3  H N N 14  
ASN HD21 H N N 15  
ASN HD22 H N N 16  
ASN HXT  H N N 17  
GLN N    N N N 18  
GLN CA   C N S 19  
GLN C    C N N 20  
GLN O    O N N 21  
GLN CB   C N N 22  
GLN CG   C N N 23  
GLN CD   C N N 24  
GLN OE1  O N N 25  
GLN NE2  N N N 26  
GLN OXT  O N N 27  
GLN H    H N N 28  
GLN H2   H N N 29  
GLN HA   H N N 30  
GLN HB2  H N N 31  
GLN HB3  H N N 32  
GLN HG2  H N N 33  
GLN HG3  H N N 34  
GLN HE21 H N N 35  
GLN HE22 H N N 36  
GLN HXT  H N N 37  
HOH O    O N N 38  
HOH H1   H N N 39  
HOH H2   H N N 40  
PHE N    N N N 41  
PHE CA   C N S 42  
PHE C    C N N 43  
PHE O    O N N 44  
PHE CB   C N N 45  
PHE CG   C Y N 46  
PHE CD1  C Y N 47  
PHE CD2  C Y N 48  
PHE CE1  C Y N 49  
PHE CE2  C Y N 50  
PHE CZ   C Y N 51  
PHE OXT  O N N 52  
PHE H    H N N 53  
PHE H2   H N N 54  
PHE HA   H N N 55  
PHE HB2  H N N 56  
PHE HB3  H N N 57  
PHE HD1  H N N 58  
PHE HD2  H N N 59  
PHE HE1  H N N 60  
PHE HE2  H N N 61  
PHE HZ   H N N 62  
PHE HXT  H N N 63  
SER N    N N N 64  
SER CA   C N S 65  
SER C    C N N 66  
SER O    O N N 67  
SER CB   C N N 68  
SER OG   O N N 69  
SER OXT  O N N 70  
SER H    H N N 71  
SER H2   H N N 72  
SER HA   H N N 73  
SER HB2  H N N 74  
SER HB3  H N N 75  
SER HG   H N N 76  
SER HXT  H N N 77  
TYR N    N N N 78  
TYR CA   C N S 79  
TYR C    C N N 80  
TYR O    O N N 81  
TYR CB   C N N 82  
TYR CG   C Y N 83  
TYR CD1  C Y N 84  
TYR CD2  C Y N 85  
TYR CE1  C Y N 86  
TYR CE2  C Y N 87  
TYR CZ   C Y N 88  
TYR OH   O N N 89  
TYR OXT  O N N 90  
TYR H    H N N 91  
TYR H2   H N N 92  
TYR HA   H N N 93  
TYR HB2  H N N 94  
TYR HB3  H N N 95  
TYR HD1  H N N 96  
TYR HD2  H N N 97  
TYR HE1  H N N 98  
TYR HE2  H N N 99  
TYR HH   H N N 100 
TYR HXT  H N N 101 
VAL N    N N N 102 
VAL CA   C N S 103 
VAL C    C N N 104 
VAL O    O N N 105 
VAL CB   C N N 106 
VAL CG1  C N N 107 
VAL CG2  C N N 108 
VAL OXT  O N N 109 
VAL H    H N N 110 
VAL H2   H N N 111 
VAL HA   H N N 112 
VAL HB   H N N 113 
VAL HG11 H N N 114 
VAL HG12 H N N 115 
VAL HG13 H N N 116 
VAL HG21 H N N 117 
VAL HG22 H N N 118 
VAL HG23 H N N 119 
VAL HXT  H N N 120 
# 
loop_
_chem_comp_bond.comp_id 
_chem_comp_bond.atom_id_1 
_chem_comp_bond.atom_id_2 
_chem_comp_bond.value_order 
_chem_comp_bond.pdbx_aromatic_flag 
_chem_comp_bond.pdbx_stereo_config 
_chem_comp_bond.pdbx_ordinal 
ASN N   CA   sing N N 1   
ASN N   H    sing N N 2   
ASN N   H2   sing N N 3   
ASN CA  C    sing N N 4   
ASN CA  CB   sing N N 5   
ASN CA  HA   sing N N 6   
ASN C   O    doub N N 7   
ASN C   OXT  sing N N 8   
ASN CB  CG   sing N N 9   
ASN CB  HB2  sing N N 10  
ASN CB  HB3  sing N N 11  
ASN CG  OD1  doub N N 12  
ASN CG  ND2  sing N N 13  
ASN ND2 HD21 sing N N 14  
ASN ND2 HD22 sing N N 15  
ASN OXT HXT  sing N N 16  
GLN N   CA   sing N N 17  
GLN N   H    sing N N 18  
GLN N   H2   sing N N 19  
GLN CA  C    sing N N 20  
GLN CA  CB   sing N N 21  
GLN CA  HA   sing N N 22  
GLN C   O    doub N N 23  
GLN C   OXT  sing N N 24  
GLN CB  CG   sing N N 25  
GLN CB  HB2  sing N N 26  
GLN CB  HB3  sing N N 27  
GLN CG  CD   sing N N 28  
GLN CG  HG2  sing N N 29  
GLN CG  HG3  sing N N 30  
GLN CD  OE1  doub N N 31  
GLN CD  NE2  sing N N 32  
GLN NE2 HE21 sing N N 33  
GLN NE2 HE22 sing N N 34  
GLN OXT HXT  sing N N 35  
HOH O   H1   sing N N 36  
HOH O   H2   sing N N 37  
PHE N   CA   sing N N 38  
PHE N   H    sing N N 39  
PHE N   H2   sing N N 40  
PHE CA  C    sing N N 41  
PHE CA  CB   sing N N 42  
PHE CA  HA   sing N N 43  
PHE C   O    doub N N 44  
PHE C   OXT  sing N N 45  
PHE CB  CG   sing N N 46  
PHE CB  HB2  sing N N 47  
PHE CB  HB3  sing N N 48  
PHE CG  CD1  doub Y N 49  
PHE CG  CD2  sing Y N 50  
PHE CD1 CE1  sing Y N 51  
PHE CD1 HD1  sing N N 52  
PHE CD2 CE2  doub Y N 53  
PHE CD2 HD2  sing N N 54  
PHE CE1 CZ   doub Y N 55  
PHE CE1 HE1  sing N N 56  
PHE CE2 CZ   sing Y N 57  
PHE CE2 HE2  sing N N 58  
PHE CZ  HZ   sing N N 59  
PHE OXT HXT  sing N N 60  
SER N   CA   sing N N 61  
SER N   H    sing N N 62  
SER N   H2   sing N N 63  
SER CA  C    sing N N 64  
SER CA  CB   sing N N 65  
SER CA  HA   sing N N 66  
SER C   O    doub N N 67  
SER C   OXT  sing N N 68  
SER CB  OG   sing N N 69  
SER CB  HB2  sing N N 70  
SER CB  HB3  sing N N 71  
SER OG  HG   sing N N 72  
SER OXT HXT  sing N N 73  
TYR N   CA   sing N N 74  
TYR N   H    sing N N 75  
TYR N   H2   sing N N 76  
TYR CA  C    sing N N 77  
TYR CA  CB   sing N N 78  
TYR CA  HA   sing N N 79  
TYR C   O    doub N N 80  
TYR C   OXT  sing N N 81  
TYR CB  CG   sing N N 82  
TYR CB  HB2  sing N N 83  
TYR CB  HB3  sing N N 84  
TYR CG  CD1  doub Y N 85  
TYR CG  CD2  sing Y N 86  
TYR CD1 CE1  sing Y N 87  
TYR CD1 HD1  sing N N 88  
TYR CD2 CE2  doub Y N 89  
TYR CD2 HD2  sing N N 90  
TYR CE1 CZ   doub Y N 91  
TYR CE1 HE1  sing N N 92  
TYR CE2 CZ   sing Y N 93  
TYR CE2 HE2  sing N N 94  
TYR CZ  OH   sing N N 95  
TYR OH  HH   sing N N 96  
TYR OXT HXT  sing N N 97  
VAL N   CA   sing N N 98  
VAL N   H    sing N N 99  
VAL N   H2   sing N N 100 
VAL CA  C    sing N N 101 
VAL CA  CB   sing N N 102 
VAL CA  HA   sing N N 103 
VAL C   O    doub N N 104 
VAL C   OXT  sing N N 105 
VAL CB  CG1  sing N N 106 
VAL CB  CG2  sing N N 107 
VAL CB  HB   sing N N 108 
VAL CG1 HG11 sing N N 109 
VAL CG1 HG12 sing N N 110 
VAL CG1 HG13 sing N N 111 
VAL CG2 HG21 sing N N 112 
VAL CG2 HG22 sing N N 113 
VAL CG2 HG23 sing N N 114 
VAL OXT HXT  sing N N 115 
# 
_em_3d_crystal_entity.id                    1 
_em_3d_crystal_entity.image_processing_id   1 
_em_3d_crystal_entity.angle_alpha           90.000 
_em_3d_crystal_entity.angle_beta            111.210 
_em_3d_crystal_entity.angle_gamma           90.000 
_em_3d_crystal_entity.length_a              23.570 
_em_3d_crystal_entity.length_b              4.860 
_em_3d_crystal_entity.length_c              27.700 
_em_3d_crystal_entity.space_group_name      'P 1' 
_em_3d_crystal_entity.space_group_num       1 
# 
_em_diffraction.id                1 
_em_diffraction.camera_length     1 
_em_diffraction.imaging_id        1 
_em_diffraction.tilt_angle_list   ? 
# 
_em_entity_assembly_naturalsource.cell                 ? 
_em_entity_assembly_naturalsource.cellular_location    ? 
_em_entity_assembly_naturalsource.entity_assembly_id   1 
_em_entity_assembly_naturalsource.id                   1 
_em_entity_assembly_naturalsource.ncbi_tax_id          9986 
_em_entity_assembly_naturalsource.organ                ? 
_em_entity_assembly_naturalsource.organelle            ? 
_em_entity_assembly_naturalsource.organism             'Oryctolagus cuniculus' 
_em_entity_assembly_naturalsource.strain               ? 
_em_entity_assembly_naturalsource.tissue               ? 
# 
_em_image_processing.id                   1 
_em_image_processing.image_recording_id   1 
_em_image_processing.details              ? 
# 
_em_image_recording.id                            1 
_em_image_recording.imaging_id                    1 
_em_image_recording.avg_electron_dose_per_image   . 
_em_image_recording.average_exposure_time         . 
_em_image_recording.details                       ? 
_em_image_recording.detector_mode                 ? 
_em_image_recording.film_or_detector_model        'TVIPS TEMCAM-F416 (4k x 4k)' 
_em_image_recording.num_diffraction_images        . 
_em_image_recording.num_grids_imaged              1 
_em_image_recording.num_real_images               1 
# 
_em_specimen.id                      1 
_em_specimen.experiment_id           1 
_em_specimen.concentration           ? 
_em_specimen.details                 ? 
_em_specimen.embedding_applied       NO 
_em_specimen.shadowing_applied       NO 
_em_specimen.staining_applied        NO 
_em_specimen.vitrification_applied   NO 
# 
loop_
_pdbx_audit_support.funding_organization 
_pdbx_audit_support.country 
_pdbx_audit_support.grant_number 
_pdbx_audit_support.ordinal 
'National Institutes of Health/National Institute of General Medical Sciences (NIH/NIGMS)'        'United States' R35GM128867  1 
'National Institutes of Health/National Institute Of Allergy and Infectious Diseases (NIH/NIAID)' 'United States' 1F31AI143368 2 
# 
_atom_sites.entry_id                    7RVG 
_atom_sites.Cartn_transf_matrix[1][1]   ? 
_atom_sites.Cartn_transf_matrix[1][2]   ? 
_atom_sites.Cartn_transf_matrix[1][3]   ? 
_atom_sites.Cartn_transf_matrix[2][1]   ? 
_atom_sites.Cartn_transf_matrix[2][2]   ? 
_atom_sites.Cartn_transf_matrix[2][3]   ? 
_atom_sites.Cartn_transf_matrix[3][1]   ? 
_atom_sites.Cartn_transf_matrix[3][2]   ? 
_atom_sites.Cartn_transf_matrix[3][3]   ? 
_atom_sites.Cartn_transf_vector[1]      ? 
_atom_sites.Cartn_transf_vector[2]      ? 
_atom_sites.Cartn_transf_vector[3]      ? 
_atom_sites.fract_transf_matrix[1][1]   -0.01040066 
_atom_sites.fract_transf_matrix[1][2]   -0.04364745 
_atom_sites.fract_transf_matrix[1][3]   0.00760309 
_atom_sites.fract_transf_matrix[2][1]   -0.14636688 
_atom_sites.fract_transf_matrix[2][2]   0.05795740 
_atom_sites.fract_transf_matrix[2][3]   0.13249629 
_atom_sites.fract_transf_matrix[3][1]   -0.02719627 
_atom_sites.fract_transf_matrix[3][2]   -0.01241294 
_atom_sites.fract_transf_matrix[3][3]   -0.02461361 
_atom_sites.fract_transf_vector[1]      0.198866 
_atom_sites.fract_transf_vector[2]      0.821306 
_atom_sites.fract_transf_vector[3]      0.460119 
_atom_sites.solution_primary            ? 
_atom_sites.solution_secondary          ? 
_atom_sites.solution_hydrogens          ? 
_atom_sites.special_details             ? 
# 
loop_
_atom_type.symbol 
C 
H 
N 
O 
# 
loop_
_atom_site.group_PDB 
_atom_site.id 
_atom_site.type_symbol 
_atom_site.label_atom_id 
_atom_site.label_alt_id 
_atom_site.label_comp_id 
_atom_site.label_asym_id 
_atom_site.label_entity_id 
_atom_site.label_seq_id 
_atom_site.pdbx_PDB_ins_code 
_atom_site.Cartn_x 
_atom_site.Cartn_y 
_atom_site.Cartn_z 
_atom_site.occupancy 
_atom_site.B_iso_or_equiv 
_atom_site.pdbx_formal_charge 
_atom_site.auth_seq_id 
_atom_site.auth_comp_id 
_atom_site.auth_asym_id 
_atom_site.auth_atom_id 
_atom_site.pdbx_PDB_model_num 
ATOM   1   N N    . GLN A 1 1 ? -6.122 -13.024 -2.143 1.00 7.02  ? 168 GLN A N    1 
ATOM   2   C CA   . GLN A 1 1 ? -5.542 -12.070 -1.167 1.00 4.23  ? 168 GLN A CA   1 
ATOM   3   C C    . GLN A 1 1 ? -4.967 -10.880 -1.901 1.00 3.63  ? 168 GLN A C    1 
ATOM   4   O O    . GLN A 1 1 ? -4.207 -11.044 -2.851 1.00 4.16  ? 168 GLN A O    1 
ATOM   5   C CB   . GLN A 1 1 ? -4.497 -12.762 -0.308 1.00 5.01  ? 168 GLN A CB   1 
ATOM   6   C CG   . GLN A 1 1 ? -5.116 -13.822 0.554  1.00 6.21  ? 168 GLN A CG   1 
ATOM   7   C CD   . GLN A 1 1 ? -4.137 -14.769 1.139  1.00 5.02  ? 168 GLN A CD   1 
ATOM   8   O OE1  . GLN A 1 1 ? -4.149 -15.021 2.368  1.00 4.91  ? 168 GLN A OE1  1 
ATOM   9   N NE2  . GLN A 1 1 ? -3.299 -15.330 0.290  1.00 7.15  ? 168 GLN A NE2  1 
ATOM   10  H H1   . GLN A 1 1 ? -6.584 -13.648 -1.708 1.00 8.61  ? 168 GLN A H1   1 
ATOM   11  H H2   . GLN A 1 1 ? -6.662 -12.588 -2.699 1.00 8.61  ? 168 GLN A H2   1 
ATOM   12  H H3   . GLN A 1 1 ? -5.467 -13.409 -2.606 1.00 8.61  ? 168 GLN A H3   1 
ATOM   13  H HA   . GLN A 1 1 ? -6.224 -11.744 -0.560 1.00 5.26  ? 168 GLN A HA   1 
ATOM   14  H HB2  . GLN A 1 1 ? -3.835 -13.181 -0.880 1.00 6.19  ? 168 GLN A HB2  1 
ATOM   15  H HB3  . GLN A 1 1 ? -4.071 -12.108 0.268  1.00 6.19  ? 168 GLN A HB3  1 
ATOM   16  H HG2  . GLN A 1 1 ? -5.586 -13.393 1.286  1.00 7.64  ? 168 GLN A HG2  1 
ATOM   17  H HG3  . GLN A 1 1 ? -5.739 -14.336 0.015  1.00 7.64  ? 168 GLN A HG3  1 
ATOM   18  H HE21 . GLN A 1 1 ? -3.341 -15.138 -0.547 1.00 8.77  ? 168 GLN A HE21 1 
ATOM   19  H HE22 . GLN A 1 1 ? -2.709 -15.888 0.574  1.00 8.77  ? 168 GLN A HE22 1 
ATOM   20  N N    . TYR A 1 2 ? -5.344 -9.690  -1.447 1.00 3.27  ? 169 TYR A N    1 
ATOM   21  C CA   . TYR A 1 2 ? -5.071 -8.444  -2.142 1.00 2.85  ? 169 TYR A CA   1 
ATOM   22  C C    . TYR A 1 2 ? -4.579 -7.422  -1.136 1.00 2.71  ? 169 TYR A C    1 
ATOM   23  O O    . TYR A 1 2 ? -5.334 -7.021  -0.246 1.00 2.60  ? 169 TYR A O    1 
ATOM   24  C CB   . TYR A 1 2 ? -6.352 -7.956  -2.816 1.00 3.22  ? 169 TYR A CB   1 
ATOM   25  C CG   . TYR A 1 2 ? -6.915 -8.972  -3.779 1.00 4.22  ? 169 TYR A CG   1 
ATOM   26  C CD1  . TYR A 1 2 ? -7.736 -10.010 -3.343 1.00 5.36  ? 169 TYR A CD1  1 
ATOM   27  C CD2  . TYR A 1 2 ? -6.612 -8.909  -5.116 1.00 4.92  ? 169 TYR A CD2  1 
ATOM   28  C CE1  . TYR A 1 2 ? -8.240 -10.948 -4.233 1.00 6.18  ? 169 TYR A CE1  1 
ATOM   29  C CE2  . TYR A 1 2 ? -7.106 -9.836  -6.013 1.00 5.94  ? 169 TYR A CE2  1 
ATOM   30  C CZ   . TYR A 1 2 ? -7.903 -10.855 -5.566 1.00 6.31  ? 169 TYR A CZ   1 
ATOM   31  O OH   . TYR A 1 2 ? -8.383 -11.763 -6.475 1.00 7.67  ? 169 TYR A OH   1 
ATOM   32  H H    . TYR A 1 2 ? -5.774 -9.579  -0.710 1.00 4.12  ? 169 TYR A H    1 
ATOM   33  H HA   . TYR A 1 2 ? -4.376 -8.567  -2.807 1.00 3.61  ? 169 TYR A HA   1 
ATOM   34  H HB2  . TYR A 1 2 ? -7.021 -7.780  -2.136 1.00 4.05  ? 169 TYR A HB2  1 
ATOM   35  H HB3  . TYR A 1 2 ? -6.161 -7.143  -3.309 1.00 4.05  ? 169 TYR A HB3  1 
ATOM   36  H HD1  . TYR A 1 2 ? -7.949 -10.076 -2.441 1.00 6.62  ? 169 TYR A HD1  1 
ATOM   37  H HD2  . TYR A 1 2 ? -6.060 -8.226  -5.425 1.00 6.09  ? 169 TYR A HD2  1 
ATOM   38  H HE1  . TYR A 1 2 ? -8.798 -11.630 -3.933 1.00 7.61  ? 169 TYR A HE1  1 
ATOM   39  H HE2  . TYR A 1 2 ? -6.899 -9.768  -6.918 1.00 7.31  ? 169 TYR A HE2  1 
ATOM   40  H HH   . TYR A 1 2 ? -8.096 -11.578 -7.242 1.00 9.38  ? 169 TYR A HH   1 
ATOM   41  N N    . SER A 1 3 ? -3.337 -6.973  -1.303 1.00 2.60  ? 170 SER A N    1 
ATOM   42  C CA   . SER A 1 3 ? -2.745 -6.010  -0.399 1.00 2.62  ? 170 SER A CA   1 
ATOM   43  C C    . SER A 1 3 ? -2.143 -4.869  -1.192 1.00 2.60  ? 170 SER A C    1 
ATOM   44  O O    . SER A 1 3 ? -1.375 -5.086  -2.132 1.00 2.69  ? 170 SER A O    1 
ATOM   45  C CB   . SER A 1 3 ? -1.639 -6.651  0.447  1.00 5.18  ? 170 SER A CB   1 
ATOM   46  O OG   . SER A 1 3 ? -0.936 -5.678  1.205  1.00 7.02  ? 170 SER A OG   1 
ATOM   47  H H    . SER A 1 3 ? -2.817 -7.220  -1.942 1.00 3.31  ? 170 SER A H    1 
ATOM   48  H HA   . SER A 1 3 ? -3.441 -5.663  0.179  1.00 3.33  ? 170 SER A HA   1 
ATOM   49  H HB2  . SER A 1 3 ? -2.041 -7.291  1.055  1.00 6.41  ? 170 SER A HB2  1 
ATOM   50  H HB3  . SER A 1 3 ? -1.014 -7.102  -0.142 1.00 6.41  ? 170 SER A HB3  1 
ATOM   51  H HG   . SER A 1 3 ? -0.476 -5.194  0.694  1.00 8.61  ? 170 SER A HG   1 
ATOM   52  N N    . ASN A 1 4 ? -2.471 -3.660  -0.773 1.00 2.79  ? 171 ASN A N    1 
ATOM   53  C CA   . ASN A 1 4 ? -1.925 -2.443  -1.331 1.00 2.72  ? 171 ASN A CA   1 
ATOM   54  C C    . ASN A 1 4 ? -1.363 -1.611  -0.191 1.00 2.92  ? 171 ASN A C    1 
ATOM   55  O O    . ASN A 1 4 ? -2.063 -1.353  0.797  1.00 2.86  ? 171 ASN A O    1 
ATOM   56  C CB   . ASN A 1 4 ? -3.003 -1.663  -2.056 1.00 3.19  ? 171 ASN A CB   1 
ATOM   57  C CG   . ASN A 1 4 ? -2.483 -0.380  -2.647 1.00 3.87  ? 171 ASN A CG   1 
ATOM   58  O OD1  . ASN A 1 4 ? -1.673 -0.393  -3.579 1.00 3.89  ? 171 ASN A OD1  1 
ATOM   59  N ND2  . ASN A 1 4 ? -2.911 0.740   -2.082 1.00 4.88  ? 171 ASN A ND2  1 
ATOM   60  H H    . ASN A 1 4 ? -3.033 -3.515  -0.139 1.00 3.53  ? 171 ASN A H    1 
ATOM   61  H HA   . ASN A 1 4 ? -1.212 -2.645  -1.957 1.00 3.45  ? 171 ASN A HA   1 
ATOM   62  H HB2  . ASN A 1 4 ? -3.359 -2.206  -2.777 1.00 4.01  ? 171 ASN A HB2  1 
ATOM   63  H HB3  . ASN A 1 4 ? -3.710 -1.441  -1.429 1.00 4.01  ? 171 ASN A HB3  1 
ATOM   64  H HD21 . ASN A 1 4 ? -3.455 0.706   -1.416 1.00 6.04  ? 171 ASN A HD21 1 
ATOM   65  H HD22 . ASN A 1 4 ? -2.645 1.501   -2.380 1.00 6.04  ? 171 ASN A HD22 1 
ATOM   66  N N    . GLN A 1 5 ? -0.110 -1.212  -0.321 1.00 2.53  ? 172 GLN A N    1 
ATOM   67  C CA   . GLN A 1 5 ? 0.535  -0.325  0.634  1.00 2.52  ? 172 GLN A CA   1 
ATOM   68  C C    . GLN A 1 5 ? 1.111  0.848   -0.123 1.00 2.61  ? 172 GLN A C    1 
ATOM   69  O O    . GLN A 1 5 ? 1.915  0.663   -1.045 1.00 2.44  ? 172 GLN A O    1 
ATOM   70  C CB   . GLN A 1 5 ? 1.633  -1.040  1.391  1.00 2.96  ? 172 GLN A CB   1 
ATOM   71  C CG   . GLN A 1 5 ? 1.101  -2.242  2.114  1.00 3.85  ? 172 GLN A CG   1 
ATOM   72  C CD   . GLN A 1 5 ? 2.182  -2.985  2.815  1.00 3.84  ? 172 GLN A CD   1 
ATOM   73  O OE1  . GLN A 1 5 ? 3.178  -3.353  2.203  1.00 4.63  ? 172 GLN A OE1  1 
ATOM   74  N NE2  . GLN A 1 5 ? 1.967  -3.288  4.078  1.00 3.91  ? 172 GLN A NE2  1 
ATOM   75  H H    . GLN A 1 5 ? 0.402  -1.448  -0.971 1.00 3.22  ? 172 GLN A H    1 
ATOM   76  H HA   . GLN A 1 5 ? -0.122 -0.001  1.271  1.00 3.21  ? 172 GLN A HA   1 
ATOM   77  H HB2  . GLN A 1 5 ? 2.315  -1.334  0.767  1.00 3.74  ? 172 GLN A HB2  1 
ATOM   78  H HB3  . GLN A 1 5 ? 2.019  -0.436  2.045  1.00 3.74  ? 172 GLN A HB3  1 
ATOM   79  H HG2  . GLN A 1 5 ? 0.450  -1.957  2.774  1.00 4.81  ? 172 GLN A HG2  1 
ATOM   80  H HG3  . GLN A 1 5 ? 0.685  -2.841  1.475  1.00 4.81  ? 172 GLN A HG3  1 
ATOM   81  H HE21 . GLN A 1 5 ? 1.231  -3.058  4.457  1.00 4.88  ? 172 GLN A HE21 1 
ATOM   82  H HE22 . GLN A 1 5 ? 2.563  -3.718  4.525  1.00 4.88  ? 172 GLN A HE22 1 
ATOM   83  N N    . ASN A 1 6 ? 0.686  2.041   0.252  1.00 2.71  ? 173 ASN A N    1 
ATOM   84  C CA   . ASN A 1 6 ? 1.116  3.261   -0.398 1.00 2.79  ? 173 ASN A CA   1 
ATOM   85  C C    . ASN A 1 6 ? 1.524  4.261   0.667  1.00 3.03  ? 173 ASN A C    1 
ATOM   86  O O    . ASN A 1 6 ? 0.741  4.572   1.568  1.00 2.98  ? 173 ASN A O    1 
ATOM   87  C CB   . ASN A 1 6 ? -0.019 3.829   -1.225 1.00 2.91  ? 173 ASN A CB   1 
ATOM   88  C CG   . ASN A 1 6 ? 0.359  5.110   -1.914 1.00 2.95  ? 173 ASN A CG   1 
ATOM   89  O OD1  . ASN A 1 6 ? 1.099  5.101   -2.884 1.00 4.34  ? 173 ASN A OD1  1 
ATOM   90  N ND2  . ASN A 1 6 ? -0.141 6.215   -1.417 1.00 3.61  ? 173 ASN A ND2  1 
ATOM   91  H H    . ASN A 1 6 ? 0.132  2.171   0.897  1.00 3.44  ? 173 ASN A H    1 
ATOM   92  H HA   . ASN A 1 6 ? 1.880  3.089   -0.970 1.00 3.54  ? 173 ASN A HA   1 
ATOM   93  H HB2  . ASN A 1 6 ? -0.270 3.184   -1.905 1.00 3.68  ? 173 ASN A HB2  1 
ATOM   94  H HB3  . ASN A 1 6 ? -0.775 4.011   -0.646 1.00 3.68  ? 173 ASN A HB3  1 
ATOM   95  H HD21 . ASN A 1 6 ? 0.047  6.973   -1.777 1.00 4.52  ? 173 ASN A HD21 1 
ATOM   96  H HD22 . ASN A 1 6 ? -0.656 6.182   -0.728 1.00 4.52  ? 173 ASN A HD22 1 
ATOM   97  N N    . SER A 1 7 ? 2.752  4.768   0.560  1.00 3.39  ? 174 SER A N    1 
ATOM   98  C CA   . SER A 1 7 ? 3.238  5.758   1.501  1.00 3.61  ? 174 SER A CA   1 
ATOM   99  C C    . SER A 1 7 ? 3.732  6.981   0.750  1.00 3.59  ? 174 SER A C    1 
ATOM   100 O O    . SER A 1 7 ? 4.458  6.867   -0.239 1.00 4.60  ? 174 SER A O    1 
ATOM   101 C CB   . SER A 1 7 ? 4.329  5.201   2.401  1.00 5.55  ? 174 SER A CB   1 
ATOM   102 O OG   . SER A 1 7 ? 5.490  4.928   1.669  1.00 8.61  ? 174 SER A OG   1 
ATOM   103 H H    . SER A 1 7 ? 3.316  4.550   -0.051 1.00 4.25  ? 174 SER A H    1 
ATOM   104 H HA   . SER A 1 7 ? 2.502  6.036   2.069  1.00 4.52  ? 174 SER A HA   1 
ATOM   105 H HB2  . SER A 1 7 ? 4.536  5.854   3.088  1.00 6.85  ? 174 SER A HB2  1 
ATOM   106 H HB3  . SER A 1 7 ? 4.013  4.379   2.808  1.00 6.85  ? 174 SER A HB3  1 
ATOM   107 H HG   . SER A 1 7 ? 5.849  5.646   1.422  1.00 10.51 ? 174 SER A HG   1 
ATOM   108 N N    . PHE A 1 8 ? 3.332  8.142   1.235  1.00 4.16  ? 175 PHE A N    1 
ATOM   109 C CA   . PHE A 1 8 ? 3.715  9.434   0.690  1.00 3.36  ? 175 PHE A CA   1 
ATOM   110 C C    . PHE A 1 8 ? 4.468  10.146  1.796  1.00 3.29  ? 175 PHE A C    1 
ATOM   111 O O    . PHE A 1 8 ? 3.871  10.542  2.802  1.00 4.07  ? 175 PHE A O    1 
ATOM   112 C CB   . PHE A 1 8 ? 2.473  10.195  0.306  1.00 4.51  ? 175 PHE A CB   1 
ATOM   113 C CG   . PHE A 1 8 ? 2.747  11.496  -0.340 1.00 4.39  ? 175 PHE A CG   1 
ATOM   114 C CD1  . PHE A 1 8 ? 2.872  12.659  0.409  1.00 5.42  ? 175 PHE A CD1  1 
ATOM   115 C CD2  . PHE A 1 8 ? 2.897  11.564  -1.706 1.00 5.73  ? 175 PHE A CD2  1 
ATOM   116 C CE1  . PHE A 1 8 ? 3.134  13.873  -0.213 1.00 6.52  ? 175 PHE A CE1  1 
ATOM   117 C CE2  . PHE A 1 8 ? 3.132  12.762  -2.330 1.00 6.07  ? 175 PHE A CE2  1 
ATOM   118 C CZ   . PHE A 1 8 ? 3.249  13.916  -1.590 1.00 5.02  ? 175 PHE A CZ   1 
ATOM   119 H H    . PHE A 1 8 ? 2.811  8.213   1.914  1.00 5.18  ? 175 PHE A H    1 
ATOM   120 H HA   . PHE A 1 8 ? 4.287  9.349   -0.089 1.00 4.21  ? 175 PHE A HA   1 
ATOM   121 H HB2  . PHE A 1 8 ? 1.958  9.659   -0.318 1.00 5.60  ? 175 PHE A HB2  1 
ATOM   122 H HB3  . PHE A 1 8 ? 1.951  10.366  1.105  1.00 5.60  ? 175 PHE A HB3  1 
ATOM   123 H HD1  . PHE A 1 8 ? 2.781  12.624  1.334  1.00 6.69  ? 175 PHE A HD1  1 
ATOM   124 H HD2  . PHE A 1 8 ? 2.839  10.787  -2.212 1.00 7.06  ? 175 PHE A HD2  1 
ATOM   125 H HE1  . PHE A 1 8 ? 3.230  14.649  0.291  1.00 8.01  ? 175 PHE A HE1  1 
ATOM   126 H HE2  . PHE A 1 8 ? 3.212  12.794  -3.256 1.00 7.47  ? 175 PHE A HE2  1 
ATOM   127 H HZ   . PHE A 1 8 ? 3.406  14.727  -2.017 1.00 6.21  ? 175 PHE A HZ   1 
ATOM   128 N N    . VAL A 1 9 ? 5.772  10.290  1.604  1.00 4.93  ? 176 VAL A N    1 
ATOM   129 C CA   . VAL A 1 9 ? 6.679  10.839  2.611  1.00 7.19  ? 176 VAL A CA   1 
ATOM   130 C C    . VAL A 1 9 ? 6.387  10.231  3.979  1.00 8.46  ? 176 VAL A C    1 
ATOM   131 O O    . VAL A 1 9 ? 6.313  10.912  4.998  1.00 9.31  ? 176 VAL A O    1 
ATOM   132 C CB   . VAL A 1 9 ? 6.671  12.364  2.620  1.00 8.35  ? 176 VAL A CB   1 
ATOM   133 C CG1  . VAL A 1 9 ? 7.842  12.889  3.415  1.00 9.49  ? 176 VAL A CG1  1 
ATOM   134 C CG2  . VAL A 1 9 ? 6.713  12.897  1.198  1.00 8.98  ? 176 VAL A CG2  1 
ATOM   135 O OXT  . VAL A 1 9 ? 6.211  9.015   4.080  1.00 10.58 ? 176 VAL A OXT  1 
ATOM   136 H H    . VAL A 1 9 ? 6.173  10.070  0.876  1.00 6.10  ? 176 VAL A H    1 
ATOM   137 H HA   . VAL A 1 9 ? 7.587  10.587  2.383  1.00 8.81  ? 176 VAL A HA   1 
ATOM   138 H HB   . VAL A 1 9 ? 5.855  12.678  3.040  1.00 10.20 ? 176 VAL A HB   1 
ATOM   139 H HG11 . VAL A 1 9 ? 7.810  13.858  3.423  1.00 11.57 ? 176 VAL A HG11 1 
ATOM   140 H HG12 . VAL A 1 9 ? 7.784  12.550  4.323  1.00 11.57 ? 176 VAL A HG12 1 
ATOM   141 H HG13 . VAL A 1 9 ? 8.666  12.588  3.002  1.00 11.57 ? 176 VAL A HG13 1 
ATOM   142 H HG21 . VAL A 1 9 ? 6.709  13.866  1.223  1.00 10.96 ? 176 VAL A HG21 1 
ATOM   143 H HG22 . VAL A 1 9 ? 7.522  12.580  0.766  1.00 10.96 ? 176 VAL A HG22 1 
ATOM   144 H HG23 . VAL A 1 9 ? 5.933  12.574  0.718  1.00 10.96 ? 176 VAL A HG23 1 
HETATM 145 O O    . HOH B 2 . ? 1.268  -4.947  -0.227 1.00 5.99  ? 201 HOH A O    1 
HETATM 146 O O    . HOH B 2 . ? 7.052  7.384   1.955  1.00 7.26  ? 202 HOH A O    1 
HETATM 147 O O    . HOH B 2 . ? -6.839 -17.378 -0.254 1.00 17.36 ? 203 HOH A O    1 
HETATM 148 O O    . HOH B 2 . ? -8.472 -14.846 1.088  1.00 15.21 ? 204 HOH A O    1 
# 
loop_
_atom_site_anisotrop.id 
_atom_site_anisotrop.type_symbol 
_atom_site_anisotrop.pdbx_label_atom_id 
_atom_site_anisotrop.pdbx_label_alt_id 
_atom_site_anisotrop.pdbx_label_comp_id 
_atom_site_anisotrop.pdbx_label_asym_id 
_atom_site_anisotrop.pdbx_label_seq_id 
_atom_site_anisotrop.pdbx_PDB_ins_code 
_atom_site_anisotrop.U[1][1] 
_atom_site_anisotrop.U[2][2] 
_atom_site_anisotrop.U[3][3] 
_atom_site_anisotrop.U[1][2] 
_atom_site_anisotrop.U[1][3] 
_atom_site_anisotrop.U[2][3] 
_atom_site_anisotrop.pdbx_auth_seq_id 
_atom_site_anisotrop.pdbx_auth_comp_id 
_atom_site_anisotrop.pdbx_auth_asym_id 
_atom_site_anisotrop.pdbx_auth_atom_id 
1   N N   . GLN A 1 ? 0.0730 0.0808 0.1129 -0.0459 0.0005  -0.0017 168 GLN A N   
2   C CA  . GLN A 1 ? 0.0443 0.0583 0.0581 -0.0148 0.0237  -0.0277 168 GLN A CA  
3   C C   . GLN A 1 ? 0.0289 0.0559 0.0531 -0.0074 0.0159  -0.0224 168 GLN A C   
4   O O   . GLN A 1 ? 0.0329 0.0659 0.0594 -0.0063 0.0180  -0.0237 168 GLN A O   
5   C CB  . GLN A 1 ? 0.0543 0.0586 0.0772 -0.0160 0.0306  -0.0328 168 GLN A CB  
6   C CG  . GLN A 1 ? 0.0824 0.0557 0.0981 -0.0137 0.0250  -0.0375 168 GLN A CG  
7   C CD  . GLN A 1 ? 0.0607 0.0588 0.0714 -0.0058 0.0333  -0.0239 168 GLN A CD  
8   O OE1 . GLN A 1 ? 0.0675 0.0560 0.0629 -0.0257 0.0347  -0.0258 168 GLN A OE1 
9   N NE2 . GLN A 1 ? 0.0849 0.0878 0.0990 0.0078  0.0491  -0.0189 168 GLN A NE2 
20  N N   . TYR A 2 ? 0.0265 0.0581 0.0398 -0.0127 0.0120  -0.0211 169 TYR A N   
21  C CA  . TYR A 2 ? 0.0212 0.0498 0.0375 -0.0130 0.0145  -0.0259 169 TYR A CA  
22  C C   . TYR A 2 ? 0.0263 0.0421 0.0347 -0.0178 0.0116  -0.0244 169 TYR A C   
23  O O   . TYR A 2 ? 0.0199 0.0356 0.0432 -0.0086 0.0081  -0.0272 169 TYR A O   
24  C CB  . TYR A 2 ? 0.0210 0.0507 0.0506 -0.0084 0.0131  -0.0317 169 TYR A CB  
25  C CG  . TYR A 2 ? 0.0411 0.0610 0.0582 -0.0168 0.0041  -0.0306 169 TYR A CG  
26  C CD1 . TYR A 2 ? 0.0701 0.0585 0.0752 -0.0255 -0.0179 -0.0222 169 TYR A CD1 
27  C CD2 . TYR A 2 ? 0.0612 0.0725 0.0533 -0.0254 0.0003  -0.0281 169 TYR A CD2 
28  C CE1 . TYR A 2 ? 0.0739 0.0661 0.0949 -0.0303 -0.0207 -0.0207 169 TYR A CE1 
29  C CE2 . TYR A 2 ? 0.0837 0.0788 0.0631 -0.0302 -0.0149 -0.0245 169 TYR A CE2 
30  C CZ  . TYR A 2 ? 0.0779 0.0666 0.0952 -0.0207 -0.0276 -0.0260 169 TYR A CZ  
31  O OH  . TYR A 2 ? 0.1021 0.0797 0.1095 -0.0222 -0.0469 -0.0189 169 TYR A OH  
41  N N   . SER A 3 ? 0.0203 0.0362 0.0422 -0.0123 0.0098  -0.0251 170 SER A N   
42  C CA  . SER A 3 ? 0.0242 0.0380 0.0372 -0.0156 0.0121  -0.0230 170 SER A CA  
43  C C   . SER A 3 ? 0.0217 0.0395 0.0377 -0.0115 0.0159  -0.0239 170 SER A C   
44  O O   . SER A 3 ? 0.0292 0.0355 0.0375 -0.0147 0.0163  -0.0247 170 SER A O   
45  C CB  . SER A 3 ? 0.0518 0.0752 0.0698 -0.0353 0.0083  -0.0002 170 SER A CB  
46  O OG  . SER A 3 ? 0.0967 0.0790 0.0913 -0.0506 -0.0132 0.0008  170 SER A OG  
52  N N   . ASN A 4 ? 0.0257 0.0362 0.0440 -0.0121 0.0138  -0.0279 171 ASN A N   
53  C CA  . ASN A 4 ? 0.0238 0.0383 0.0413 -0.0153 0.0154  -0.0219 171 ASN A CA  
54  C C   . ASN A 4 ? 0.0282 0.0416 0.0410 -0.0175 0.0141  -0.0252 171 ASN A C   
55  O O   . ASN A 4 ? 0.0260 0.0406 0.0422 -0.0158 0.0141  -0.0239 171 ASN A O   
56  C CB  . ASN A 4 ? 0.0339 0.0410 0.0461 -0.0179 0.0183  -0.0280 171 ASN A CB  
57  C CG  . ASN A 4 ? 0.0420 0.0447 0.0605 -0.0195 0.0247  -0.0317 171 ASN A CG  
58  O OD1 . ASN A 4 ? 0.0362 0.0421 0.0693 -0.0185 0.0236  -0.0296 171 ASN A OD1 
59  N ND2 . ASN A 4 ? 0.0526 0.0673 0.0653 -0.0144 0.0314  -0.0212 171 ASN A ND2 
66  N N   . GLN A 5 ? 0.0219 0.0356 0.0387 -0.0123 0.0112  -0.0227 172 GLN A N   
67  C CA  . GLN A 5 ? 0.0227 0.0348 0.0382 -0.0113 0.0119  -0.0235 172 GLN A CA  
68  C C   . GLN A 5 ? 0.0226 0.0379 0.0390 -0.0146 0.0117  -0.0232 172 GLN A C   
69  O O   . GLN A 5 ? 0.0263 0.0369 0.0295 -0.0154 0.0155  -0.0183 172 GLN A O   
70  C CB  . GLN A 5 ? 0.0270 0.0396 0.0459 -0.0121 0.0164  -0.0279 172 GLN A CB  
71  C CG  . GLN A 5 ? 0.0442 0.0516 0.0505 -0.0232 0.0233  -0.0313 172 GLN A CG  
72  C CD  . GLN A 5 ? 0.0362 0.0507 0.0588 -0.0110 0.0214  -0.0246 172 GLN A CD  
73  O OE1 . GLN A 5 ? 0.0486 0.0688 0.0587 -0.0022 0.0293  -0.0141 172 GLN A OE1 
74  N NE2 . GLN A 5 ? 0.0418 0.0536 0.0532 -0.0187 0.0229  -0.0257 172 GLN A NE2 
83  N N   . ASN A 6 ? 0.0214 0.0390 0.0426 -0.0085 0.0117  -0.0273 173 ASN A N   
84  C CA  . ASN A 6 ? 0.0231 0.0418 0.0413 -0.0112 0.0144  -0.0257 173 ASN A CA  
85  C C   . ASN A 6 ? 0.0281 0.0435 0.0434 -0.0185 0.0153  -0.0250 173 ASN A C   
86  O O   . ASN A 6 ? 0.0277 0.0381 0.0473 -0.0156 0.0155  -0.0254 173 ASN A O   
87  C CB  . ASN A 6 ? 0.0230 0.0446 0.0429 -0.0101 0.0131  -0.0288 173 ASN A CB  
88  C CG  . ASN A 6 ? 0.0238 0.0464 0.0420 -0.0126 0.0157  -0.0271 173 ASN A CG  
89  O OD1 . ASN A 6 ? 0.0375 0.0700 0.0572 -0.0195 0.0176  -0.0342 173 ASN A OD1 
90  N ND2 . ASN A 6 ? 0.0296 0.0493 0.0582 -0.0122 0.0181  -0.0344 173 ASN A ND2 
97  N N   . SER A 7 ? 0.0367 0.0466 0.0454 -0.0219 0.0180  -0.0291 174 SER A N   
98  C CA  . SER A 7 ? 0.0373 0.0437 0.0563 -0.0170 0.0226  -0.0316 174 SER A CA  
99  C C   . SER A 7 ? 0.0337 0.0413 0.0613 -0.0153 0.0269  -0.0268 174 SER A C   
100 O O   . SER A 7 ? 0.0491 0.0458 0.0800 -0.0232 0.0347  -0.0291 174 SER A O   
101 C CB  . SER A 7 ? 0.0662 0.0647 0.0802 -0.0239 0.0215  -0.0356 174 SER A CB  
102 O OG  . SER A 7 ? 0.1187 0.0713 0.1368 -0.0167 -0.0261 -0.0229 174 SER A OG  
108 N N   . PHE A 8 ? 0.0502 0.0495 0.0584 -0.0145 0.0278  -0.0237 175 PHE A N   
109 C CA  . PHE A 8 ? 0.0424 0.0422 0.0429 -0.0080 0.0238  -0.0126 175 PHE A CA  
110 C C   . PHE A 8 ? 0.0373 0.0396 0.0482 -0.0187 0.0271  -0.0224 175 PHE A C   
111 O O   . PHE A 8 ? 0.0484 0.0459 0.0602 -0.0201 0.0238  -0.0266 175 PHE A O   
112 C CB  . PHE A 8 ? 0.0856 0.0571 0.0286 -0.0108 0.0147  0.0061  175 PHE A CB  
113 C CG  . PHE A 8 ? 0.0774 0.0590 0.0306 -0.0023 0.0086  0.0190  175 PHE A CG  
114 C CD1 . PHE A 8 ? 0.1153 0.0538 0.0370 0.0220  0.0017  0.0109  175 PHE A CD1 
115 C CD2 . PHE A 8 ? 0.1015 0.0755 0.0408 -0.0083 0.0029  0.0263  175 PHE A CD2 
116 C CE1 . PHE A 8 ? 0.1194 0.0667 0.0616 0.0145  -0.0134 0.0287  175 PHE A CE1 
117 C CE2 . PHE A 8 ? 0.0996 0.0905 0.0408 -0.0030 0.0110  0.0298  175 PHE A CE2 
118 C CZ  . PHE A 8 ? 0.0847 0.0653 0.0407 0.0051  0.0026  0.0280  175 PHE A CZ  
128 N N   . VAL A 9 ? 0.0595 0.0503 0.0773 -0.0137 0.0241  -0.0326 176 VAL A N   
129 C CA  . VAL A 9 ? 0.0888 0.0606 0.1238 -0.0356 -0.0007 -0.0201 176 VAL A CA  
130 C C   . VAL A 9 ? 0.1039 0.0662 0.1514 -0.0223 -0.0155 -0.0213 176 VAL A C   
131 O O   . VAL A 9 ? 0.1371 0.0646 0.1520 0.0023  -0.0258 -0.0319 176 VAL A O   
132 C CB  . VAL A 9 ? 0.1272 0.0638 0.1261 -0.0421 -0.0101 -0.0204 176 VAL A CB  
133 C CG1 . VAL A 9 ? 0.1642 0.0796 0.1166 -0.0514 -0.0234 -0.0136 176 VAL A CG1 
134 C CG2 . VAL A 9 ? 0.1169 0.0703 0.1540 -0.0504 -0.0049 -0.0082 176 VAL A CG2 
135 O OXT . VAL A 9 ? 0.1233 0.0760 0.2027 -0.0280 -0.0462 -0.0041 176 VAL A OXT 
145 O O   . HOH B . ? 0.0921 0.0850 0.0505 0.0121  -0.0265 0.0229  201 HOH A O   
146 O O   . HOH B . ? 0.0800 0.0608 0.1349 -0.0289 -0.0280 0.0252  202 HOH A O   
147 O O   . HOH B . ? 0.1299 0.1920 0.3377 0.0046  -0.0660 0.0778  203 HOH A O   
148 O O   . HOH B . ? 0.2124 0.1914 0.1739 -0.0178 0.0101  0.0042  204 HOH A O   
# 
